data_6GHJ
#
_entry.id   6GHJ
#
_cell.length_a   101.550
_cell.length_b   108.220
_cell.length_c   111.610
_cell.angle_alpha   90.00
_cell.angle_beta   90.00
_cell.angle_gamma   90.00
#
_symmetry.space_group_name_H-M   'C 2 2 21'
#
loop_
_entity.id
_entity.type
_entity.pdbx_description
1 polymer 'Di-or tripeptide:H+ symporter'
2 polymer PHE-ALA-GLN
3 non-polymer 'PHOSPHATE ION'
4 non-polymer 'PENTAETHYLENE GLYCOL'
5 non-polymer '4-(2-HYDROXYETHYL)-1-PIPERAZINE ETHANESULFONIC ACID'
6 non-polymer 'SODIUM ION'
7 non-polymer (2R)-2,3-DIHYDROXYPROPYL(7Z)-PENTADEC-7-ENOATE
8 non-polymer (2S)-2,3-DIHYDROXYPROPYL(7Z)-PENTADEC-7-ENOATE
9 water water
#
loop_
_entity_poly.entity_id
_entity_poly.type
_entity_poly.pdbx_seq_one_letter_code
_entity_poly.pdbx_strand_id
1 'polypeptide(L)'
;MEDKGKTFFGQPLGLSTLFMTEMWERFSYYGMRAILLYYMWFLISTGDLHITRATAASIMAIYASMVYLSGTIGGFVADR
IIGARPAVFWGGVLIMLGHIVLALPFGASALFGSIILIIIGTGFLKPNVSTLVGTLYDEHDRRRDAGFSIFVFGINLGAF
IAPLIVGAAQEAAGYHVAFSLAAIGMFIGLLVYYFGGKKTLDPHYLRPTDPLAPEEVKPLLVKVSLAVAGFIAIIVVMNL
VGWNSLPAYINLLTIVAIAIPVFYFAWMISSVKVTSTEHLRVVSYIPLFIAAVLFWAIEEQGSVVLATFAAERVDSSWFP
VSWFQSLNPLFIMLYTPFFAWLWTAWKKNQPSSPTKFAVGLMFAGLSFLLMAIPGALYGTSGKVSPLWLVGSWALVILGE
MLISPVGLSVTTKLAPKAFNSQMMSMWFLSSSVGSALNAQLVTLYNAKSEVAYFSYFGLGSVVLGIVLVFLSKRIQGLMQ
GVE
;
A
2 'polypeptide(L)' FAQ B
#
# COMPACT_ATOMS: atom_id res chain seq x y z
N GLY A 5 5.69 36.19 4.46
CA GLY A 5 6.60 35.32 5.20
C GLY A 5 7.12 34.16 4.37
N LYS A 6 8.32 33.68 4.70
CA LYS A 6 8.86 32.51 4.02
C LYS A 6 8.02 31.28 4.35
N THR A 7 7.51 30.60 3.31
CA THR A 7 6.82 29.34 3.49
C THR A 7 7.36 28.31 2.49
N PHE A 8 6.80 27.11 2.56
CA PHE A 8 6.97 26.07 1.55
C PHE A 8 5.59 25.87 0.93
N PHE A 9 5.35 26.55 -0.19
CA PHE A 9 4.05 26.50 -0.88
C PHE A 9 2.91 26.96 0.04
N GLY A 10 3.20 28.00 0.83
CA GLY A 10 2.22 28.58 1.73
C GLY A 10 2.17 27.94 3.11
N GLN A 11 2.98 26.92 3.37
CA GLN A 11 2.88 26.09 4.55
C GLN A 11 4.08 26.30 5.45
N PRO A 12 4.02 25.86 6.71
CA PRO A 12 5.21 25.99 7.57
C PRO A 12 6.39 25.23 6.99
N LEU A 13 7.59 25.77 7.23
CA LEU A 13 8.78 25.27 6.57
C LEU A 13 9.04 23.82 6.89
N GLY A 14 8.69 23.36 8.10
CA GLY A 14 8.79 21.95 8.45
C GLY A 14 8.19 21.00 7.43
N LEU A 15 7.22 21.49 6.66
CA LEU A 15 6.64 20.62 5.64
C LEU A 15 7.66 20.24 4.59
N SER A 16 8.60 21.13 4.28
CA SER A 16 9.65 20.79 3.32
C SER A 16 10.45 19.59 3.79
N THR A 17 10.88 19.61 5.05
CA THR A 17 11.58 18.47 5.63
C THR A 17 10.76 17.19 5.54
N LEU A 18 9.46 17.26 5.88
CA LEU A 18 8.65 16.05 5.89
C LEU A 18 8.30 15.59 4.49
N PHE A 19 8.03 16.54 3.60
CA PHE A 19 7.84 16.24 2.17
C PHE A 19 9.00 15.42 1.62
N MET A 20 10.23 15.88 1.86
CA MET A 20 11.40 15.17 1.33
C MET A 20 11.65 13.87 2.07
N THR A 21 11.45 13.86 3.39
CA THR A 21 11.55 12.60 4.12
C THR A 21 10.66 11.53 3.49
N GLU A 22 9.37 11.84 3.30
CA GLU A 22 8.47 10.87 2.71
C GLU A 22 8.78 10.59 1.25
N MET A 23 9.17 11.63 0.49
CA MET A 23 9.46 11.42 -0.93
C MET A 23 10.56 10.36 -1.11
N TRP A 24 11.61 10.44 -0.30
CA TRP A 24 12.74 9.52 -0.42
C TRP A 24 12.42 8.16 0.16
N GLU A 25 11.61 8.11 1.22
CA GLU A 25 11.15 6.82 1.74
C GLU A 25 10.26 6.10 0.73
N ARG A 26 9.33 6.83 0.10
CA ARG A 26 8.50 6.22 -0.93
C ARG A 26 9.33 5.83 -2.15
N PHE A 27 10.37 6.61 -2.46
CA PHE A 27 11.31 6.20 -3.50
C PHE A 27 11.88 4.83 -3.18
N SER A 28 12.35 4.62 -1.93
CA SER A 28 12.93 3.33 -1.57
C SER A 28 11.89 2.24 -1.66
N TYR A 29 10.69 2.49 -1.12
CA TYR A 29 9.66 1.46 -1.11
C TYR A 29 9.19 1.09 -2.52
N TYR A 30 8.86 2.08 -3.35
CA TYR A 30 8.33 1.74 -4.67
C TYR A 30 9.44 1.37 -5.66
N GLY A 31 10.67 1.77 -5.41
CA GLY A 31 11.76 1.22 -6.20
C GLY A 31 11.89 -0.28 -5.97
N MET A 32 11.81 -0.71 -4.71
CA MET A 32 11.77 -2.13 -4.37
C MET A 32 10.57 -2.83 -5.00
N ARG A 33 9.37 -2.26 -4.82
CA ARG A 33 8.16 -2.88 -5.36
C ARG A 33 8.27 -3.12 -6.86
N ALA A 34 8.94 -2.23 -7.59
CA ALA A 34 8.97 -2.35 -9.03
C ALA A 34 9.89 -3.47 -9.54
N ILE A 35 10.78 -4.00 -8.70
CA ILE A 35 11.71 -5.03 -9.19
C ILE A 35 11.68 -6.30 -8.35
N LEU A 36 11.03 -6.24 -7.19
CA LEU A 36 11.07 -7.41 -6.29
C LEU A 36 10.49 -8.65 -6.95
N LEU A 37 9.35 -8.52 -7.64
CA LEU A 37 8.75 -9.71 -8.25
C LEU A 37 9.66 -10.28 -9.33
N TYR A 38 10.20 -9.40 -10.20
CA TYR A 38 11.13 -9.86 -11.23
C TYR A 38 12.36 -10.49 -10.58
N TYR A 39 12.78 -9.96 -9.43
CA TYR A 39 13.92 -10.55 -8.73
C TYR A 39 13.60 -11.97 -8.30
N MET A 40 12.39 -12.21 -7.83
CA MET A 40 12.04 -13.57 -7.43
C MET A 40 11.94 -14.46 -8.66
N TRP A 41 11.45 -13.94 -9.79
CA TRP A 41 11.47 -14.75 -11.01
C TRP A 41 12.90 -15.13 -11.36
N PHE A 42 13.84 -14.19 -11.20
CA PHE A 42 15.24 -14.48 -11.50
C PHE A 42 15.80 -15.53 -10.54
N LEU A 43 15.57 -15.35 -9.24
CA LEU A 43 16.00 -16.38 -8.28
C LEU A 43 15.35 -17.72 -8.56
N ILE A 44 14.09 -17.72 -9.01
CA ILE A 44 13.46 -19.00 -9.39
C ILE A 44 14.17 -19.59 -10.60
N SER A 45 14.45 -18.76 -11.61
CA SER A 45 14.99 -19.25 -12.88
C SER A 45 16.40 -19.82 -12.75
N THR A 46 17.14 -19.46 -11.69
CA THR A 46 18.46 -20.01 -11.46
C THR A 46 18.45 -21.17 -10.47
N GLY A 47 17.27 -21.60 -10.02
CA GLY A 47 17.19 -22.68 -9.06
C GLY A 47 17.51 -22.29 -7.64
N ASP A 48 17.69 -21.01 -7.35
CA ASP A 48 18.04 -20.57 -6.00
C ASP A 48 16.81 -20.54 -5.09
N LEU A 49 15.65 -20.15 -5.63
CA LEU A 49 14.43 -20.02 -4.86
C LEU A 49 13.43 -21.05 -5.38
N HIS A 50 12.99 -21.94 -4.51
CA HIS A 50 12.21 -23.10 -4.95
C HIS A 50 10.72 -22.88 -4.70
N ILE A 51 10.14 -21.96 -5.47
CA ILE A 51 8.71 -21.71 -5.42
C ILE A 51 8.23 -21.53 -6.85
N THR A 52 6.92 -21.58 -7.02
CA THR A 52 6.33 -21.26 -8.30
C THR A 52 6.22 -19.74 -8.48
N ARG A 53 6.00 -19.32 -9.71
CA ARG A 53 5.78 -17.91 -9.97
C ARG A 53 4.49 -17.42 -9.33
N ALA A 54 3.47 -18.29 -9.25
CA ALA A 54 2.22 -17.92 -8.61
C ALA A 54 2.42 -17.64 -7.12
N THR A 55 3.28 -18.43 -6.47
CA THR A 55 3.64 -18.16 -5.08
C THR A 55 4.44 -16.86 -4.98
N ALA A 56 5.31 -16.60 -5.94
CA ALA A 56 6.02 -15.33 -5.96
C ALA A 56 5.05 -14.16 -6.01
N ALA A 57 4.07 -14.25 -6.93
CA ALA A 57 3.03 -13.23 -6.97
C ALA A 57 2.30 -13.12 -5.63
N SER A 58 1.94 -14.27 -5.04
CA SER A 58 1.25 -14.28 -3.75
C SER A 58 2.07 -13.56 -2.69
N ILE A 59 3.36 -13.85 -2.62
CA ILE A 59 4.27 -13.18 -1.69
C ILE A 59 4.16 -11.66 -1.81
N MET A 60 4.26 -11.14 -3.04
CA MET A 60 4.15 -9.69 -3.25
C MET A 60 2.89 -9.13 -2.61
N ALA A 61 1.76 -9.84 -2.75
CA ALA A 61 0.50 -9.32 -2.24
C ALA A 61 0.46 -9.38 -0.72
N ILE A 62 0.91 -10.47 -0.12
CA ILE A 62 0.79 -10.56 1.34
C ILE A 62 1.82 -9.66 2.01
N TYR A 63 2.98 -9.46 1.36
CA TYR A 63 3.95 -8.45 1.79
C TYR A 63 3.27 -7.09 1.93
N ALA A 64 2.62 -6.63 0.86
CA ALA A 64 1.92 -5.36 0.94
C ALA A 64 0.86 -5.38 2.03
N SER A 65 0.16 -6.51 2.17
CA SER A 65 -0.91 -6.61 3.18
C SER A 65 -0.34 -6.41 4.59
N MET A 66 0.81 -7.02 4.87
CA MET A 66 1.44 -6.90 6.18
C MET A 66 1.99 -5.50 6.41
N VAL A 67 2.52 -4.86 5.35
CA VAL A 67 3.01 -3.50 5.47
C VAL A 67 1.88 -2.55 5.86
N TYR A 68 0.71 -2.67 5.23
CA TYR A 68 -0.41 -1.82 5.62
C TYR A 68 -0.86 -2.14 7.05
N LEU A 69 -1.01 -3.42 7.38
CA LEU A 69 -1.35 -3.80 8.74
C LEU A 69 -0.35 -3.21 9.73
N SER A 70 0.94 -3.33 9.46
CA SER A 70 1.96 -2.83 10.39
C SER A 70 1.77 -1.34 10.65
N GLY A 71 1.38 -0.57 9.63
CA GLY A 71 1.12 0.83 9.84
C GLY A 71 -0.04 1.12 10.77
N THR A 72 -0.92 0.16 11.02
CA THR A 72 -2.00 0.35 11.97
C THR A 72 -1.54 0.37 13.41
N ILE A 73 -0.29 -0.04 13.68
CA ILE A 73 0.23 -0.16 15.06
C ILE A 73 1.22 0.96 15.36
N GLY A 74 1.86 1.55 14.34
CA GLY A 74 3.00 2.41 14.58
C GLY A 74 2.62 3.71 15.26
N GLY A 75 1.39 4.19 15.01
CA GLY A 75 0.95 5.39 15.69
C GLY A 75 0.94 5.22 17.20
N PHE A 76 0.42 4.07 17.65
CA PHE A 76 0.33 3.77 19.08
C PHE A 76 1.72 3.69 19.70
N VAL A 77 2.65 2.99 19.04
CA VAL A 77 3.98 2.81 19.63
C VAL A 77 4.67 4.17 19.78
N ALA A 78 4.52 5.06 18.81
CA ALA A 78 5.09 6.40 18.91
C ALA A 78 4.39 7.22 19.99
N ASP A 79 3.06 7.30 19.90
CA ASP A 79 2.31 8.17 20.82
C ASP A 79 2.49 7.73 22.27
N ARG A 80 2.63 6.44 22.51
CA ARG A 80 2.56 5.92 23.86
C ARG A 80 3.89 5.42 24.41
N ILE A 81 4.91 5.23 23.56
CA ILE A 81 6.16 4.62 24.02
C ILE A 81 7.41 5.40 23.60
N ILE A 82 7.63 5.64 22.30
CA ILE A 82 8.91 6.19 21.85
C ILE A 82 8.84 7.59 21.27
N GLY A 83 7.64 8.13 21.04
CA GLY A 83 7.64 9.42 20.37
C GLY A 83 7.60 9.30 18.86
N ALA A 84 6.96 10.28 18.23
CA ALA A 84 6.78 10.29 16.78
C ALA A 84 8.09 10.52 16.04
N ARG A 85 8.91 11.47 16.51
CA ARG A 85 10.13 11.75 15.77
C ARG A 85 11.10 10.57 15.82
N PRO A 86 11.29 9.89 16.95
CA PRO A 86 12.17 8.71 16.91
C PRO A 86 11.57 7.54 16.16
N ALA A 87 10.24 7.48 16.06
CA ALA A 87 9.60 6.40 15.31
C ALA A 87 9.93 6.53 13.83
N VAL A 88 9.83 7.75 13.28
CA VAL A 88 10.20 7.98 11.89
C VAL A 88 11.67 7.69 11.68
N PHE A 89 12.54 8.10 12.62
CA PHE A 89 13.96 7.85 12.46
C PHE A 89 14.27 6.35 12.47
N TRP A 90 13.95 5.66 13.57
CA TRP A 90 14.32 4.25 13.65
C TRP A 90 13.55 3.42 12.64
N GLY A 91 12.31 3.80 12.35
CA GLY A 91 11.61 3.18 11.24
C GLY A 91 12.38 3.29 9.93
N GLY A 92 12.96 4.48 9.67
CA GLY A 92 13.73 4.65 8.45
C GLY A 92 14.99 3.81 8.46
N VAL A 93 15.66 3.73 9.61
CA VAL A 93 16.84 2.88 9.71
C VAL A 93 16.50 1.43 9.39
N LEU A 94 15.36 0.95 9.88
CA LEU A 94 14.97 -0.42 9.58
C LEU A 94 14.65 -0.59 8.10
N ILE A 95 13.91 0.36 7.51
CA ILE A 95 13.66 0.30 6.08
C ILE A 95 14.98 0.22 5.31
N MET A 96 15.92 1.09 5.68
CA MET A 96 17.21 1.13 4.99
C MET A 96 17.92 -0.20 5.10
N LEU A 97 17.98 -0.77 6.30
CA LEU A 97 18.62 -2.06 6.47
C LEU A 97 17.91 -3.12 5.65
N GLY A 98 16.58 -3.01 5.51
CA GLY A 98 15.86 -3.98 4.72
C GLY A 98 16.31 -4.02 3.28
N HIS A 99 16.67 -2.86 2.71
CA HIS A 99 17.18 -2.85 1.35
C HIS A 99 18.65 -3.26 1.29
N ILE A 100 19.43 -2.85 2.29
CA ILE A 100 20.82 -3.30 2.39
C ILE A 100 20.89 -4.83 2.35
N VAL A 101 19.96 -5.49 3.05
CA VAL A 101 19.95 -6.95 3.10
C VAL A 101 19.82 -7.56 1.72
N LEU A 102 19.06 -6.92 0.81
CA LEU A 102 18.91 -7.42 -0.55
C LEU A 102 20.03 -6.95 -1.46
N ALA A 103 20.79 -5.95 -1.05
CA ALA A 103 21.97 -5.54 -1.81
C ALA A 103 23.17 -6.43 -1.54
N LEU A 104 23.21 -7.09 -0.38
CA LEU A 104 24.30 -7.98 -0.01
C LEU A 104 24.35 -9.18 -0.95
N PRO A 105 25.52 -9.82 -1.08
CA PRO A 105 25.67 -10.92 -2.03
C PRO A 105 25.00 -12.20 -1.55
N PHE A 106 23.69 -12.15 -1.32
CA PHE A 106 22.91 -13.35 -0.99
C PHE A 106 21.84 -13.55 -2.06
N GLY A 107 21.11 -14.65 -1.94
CA GLY A 107 20.03 -14.90 -2.83
C GLY A 107 18.72 -15.02 -2.10
N ALA A 108 18.03 -16.14 -2.27
CA ALA A 108 16.71 -16.32 -1.67
C ALA A 108 16.76 -16.25 -0.14
N SER A 109 17.90 -16.62 0.47
CA SER A 109 17.97 -16.71 1.93
C SER A 109 17.81 -15.34 2.61
N ALA A 110 17.99 -14.23 1.88
CA ALA A 110 17.86 -12.90 2.47
C ALA A 110 16.44 -12.33 2.37
N LEU A 111 15.54 -12.97 1.63
CA LEU A 111 14.24 -12.36 1.32
C LEU A 111 13.42 -12.12 2.58
N PHE A 112 13.32 -13.14 3.44
CA PHE A 112 12.47 -13.01 4.62
C PHE A 112 12.97 -11.91 5.56
N GLY A 113 14.28 -11.85 5.79
CA GLY A 113 14.82 -10.81 6.65
C GLY A 113 14.54 -9.42 6.12
N SER A 114 14.69 -9.24 4.80
CA SER A 114 14.39 -7.96 4.17
C SER A 114 12.93 -7.58 4.37
N ILE A 115 12.05 -8.55 4.20
CA ILE A 115 10.61 -8.29 4.25
C ILE A 115 10.20 -7.93 5.67
N ILE A 116 10.70 -8.67 6.67
CA ILE A 116 10.42 -8.37 8.07
C ILE A 116 10.91 -6.97 8.42
N LEU A 117 12.13 -6.63 8.00
CA LEU A 117 12.66 -5.30 8.32
C LEU A 117 11.78 -4.21 7.73
N ILE A 118 11.38 -4.36 6.47
CA ILE A 118 10.59 -3.29 5.87
C ILE A 118 9.18 -3.27 6.45
N ILE A 119 8.58 -4.42 6.72
CA ILE A 119 7.29 -4.44 7.42
C ILE A 119 7.37 -3.64 8.72
N ILE A 120 8.37 -3.93 9.56
CA ILE A 120 8.46 -3.25 10.85
C ILE A 120 8.81 -1.77 10.65
N GLY A 121 9.84 -1.50 9.83
CA GLY A 121 10.26 -0.12 9.64
C GLY A 121 9.17 0.77 9.08
N THR A 122 8.48 0.29 8.05
CA THR A 122 7.43 1.10 7.44
C THR A 122 6.28 1.32 8.42
N GLY A 123 6.01 0.33 9.28
CA GLY A 123 4.96 0.48 10.28
C GLY A 123 5.28 1.55 11.31
N PHE A 124 6.57 1.69 11.66
CA PHE A 124 7.00 2.78 12.52
C PHE A 124 6.93 4.13 11.80
N LEU A 125 7.33 4.16 10.54
CA LEU A 125 7.54 5.45 9.89
C LEU A 125 6.25 6.04 9.34
N LYS A 126 5.48 5.26 8.55
CA LYS A 126 4.41 5.86 7.74
C LYS A 126 3.35 6.57 8.58
N PRO A 127 2.73 5.96 9.58
CA PRO A 127 1.73 6.72 10.34
C PRO A 127 2.33 7.94 11.02
N ASN A 128 3.63 7.92 11.28
CA ASN A 128 4.21 8.94 12.14
C ASN A 128 4.78 10.13 11.38
N VAL A 129 5.16 9.97 10.11
CA VAL A 129 5.43 11.16 9.30
C VAL A 129 4.13 11.93 9.06
N SER A 130 3.03 11.22 8.86
CA SER A 130 1.75 11.92 8.69
C SER A 130 1.36 12.65 9.96
N THR A 131 1.54 12.01 11.13
CA THR A 131 1.34 12.71 12.40
C THR A 131 2.16 14.00 12.47
N LEU A 132 3.43 13.93 12.10
CA LEU A 132 4.27 15.12 12.23
C LEU A 132 3.81 16.24 11.30
N VAL A 133 3.25 15.91 10.14
CA VAL A 133 2.66 16.94 9.29
C VAL A 133 1.56 17.68 10.03
N GLY A 134 0.64 16.94 10.66
CA GLY A 134 -0.39 17.58 11.46
C GLY A 134 0.17 18.50 12.54
N THR A 135 1.26 18.08 13.18
CA THR A 135 1.87 18.90 14.23
C THR A 135 2.39 20.24 13.71
N LEU A 136 2.51 20.41 12.39
CA LEU A 136 2.94 21.71 11.89
C LEU A 136 1.87 22.77 12.11
N TYR A 137 0.62 22.36 12.19
CA TYR A 137 -0.51 23.28 12.18
C TYR A 137 -1.20 23.31 13.53
N ASP A 138 -1.54 24.50 13.97
CA ASP A 138 -2.41 24.69 15.11
C ASP A 138 -3.82 24.14 14.79
N GLU A 139 -4.66 24.03 15.82
CA GLU A 139 -5.92 23.30 15.70
C GLU A 139 -6.78 23.81 14.54
N HIS A 140 -7.10 25.11 14.52
CA HIS A 140 -7.99 25.64 13.49
C HIS A 140 -7.24 26.38 12.39
N ASP A 141 -6.03 25.95 12.06
CA ASP A 141 -5.34 26.42 10.86
C ASP A 141 -6.03 25.85 9.64
N ARG A 142 -6.51 26.74 8.76
CA ARG A 142 -7.23 26.27 7.58
C ARG A 142 -6.31 25.78 6.49
N ARG A 143 -5.01 26.01 6.59
CA ARG A 143 -4.07 25.49 5.61
C ARG A 143 -3.93 23.98 5.69
N ARG A 144 -4.43 23.36 6.76
CA ARG A 144 -4.12 21.96 7.07
C ARG A 144 -4.38 21.04 5.87
N ASP A 145 -5.53 21.20 5.22
CA ASP A 145 -5.83 20.40 4.04
C ASP A 145 -4.80 20.63 2.94
N ALA A 146 -4.40 21.90 2.73
CA ALA A 146 -3.45 22.20 1.68
C ALA A 146 -2.09 21.56 1.95
N GLY A 147 -1.64 21.60 3.19
CA GLY A 147 -0.37 20.98 3.53
C GLY A 147 -0.35 19.48 3.30
N PHE A 148 -1.41 18.79 3.70
CA PHE A 148 -1.48 17.34 3.47
C PHE A 148 -1.52 17.02 1.98
N SER A 149 -2.17 17.86 1.16
CA SER A 149 -2.18 17.65 -0.29
C SER A 149 -0.78 17.79 -0.86
N ILE A 150 -0.04 18.80 -0.39
CA ILE A 150 1.34 18.96 -0.84
C ILE A 150 2.17 17.76 -0.41
N PHE A 151 1.98 17.32 0.84
CA PHE A 151 2.61 16.10 1.34
C PHE A 151 2.33 14.90 0.44
N VAL A 152 1.05 14.67 0.10
CA VAL A 152 0.72 13.54 -0.75
C VAL A 152 1.40 13.68 -2.11
N PHE A 153 1.60 14.92 -2.57
CA PHE A 153 2.30 15.12 -3.84
C PHE A 153 3.74 14.64 -3.74
N GLY A 154 4.40 14.94 -2.61
CA GLY A 154 5.72 14.38 -2.35
C GLY A 154 5.74 12.86 -2.40
N ILE A 155 4.73 12.22 -1.83
CA ILE A 155 4.64 10.77 -1.85
C ILE A 155 4.60 10.27 -3.30
N ASN A 156 3.75 10.90 -4.12
CA ASN A 156 3.58 10.46 -5.50
C ASN A 156 4.82 10.72 -6.34
N LEU A 157 5.48 11.86 -6.11
CA LEU A 157 6.74 12.15 -6.80
C LEU A 157 7.77 11.05 -6.56
N GLY A 158 7.93 10.62 -5.30
CA GLY A 158 8.87 9.56 -5.02
C GLY A 158 8.46 8.26 -5.67
N ALA A 159 7.16 7.94 -5.61
CA ALA A 159 6.63 6.74 -6.26
C ALA A 159 6.84 6.79 -7.77
N PHE A 160 6.81 7.99 -8.35
CA PHE A 160 6.93 8.13 -9.80
C PHE A 160 8.38 7.92 -10.27
N ILE A 161 9.34 8.56 -9.61
CA ILE A 161 10.69 8.52 -10.16
C ILE A 161 11.43 7.25 -9.79
N ALA A 162 11.02 6.54 -8.74
CA ALA A 162 11.81 5.40 -8.28
C ALA A 162 11.85 4.27 -9.30
N PRO A 163 10.75 3.86 -9.94
CA PRO A 163 10.86 2.77 -10.92
C PRO A 163 11.71 3.16 -12.10
N LEU A 164 11.61 4.42 -12.53
CA LEU A 164 12.49 4.92 -13.58
C LEU A 164 13.96 4.73 -13.21
N ILE A 165 14.34 5.22 -12.03
CA ILE A 165 15.75 5.23 -11.61
C ILE A 165 16.19 3.84 -11.16
N VAL A 166 15.41 3.23 -10.26
CA VAL A 166 15.83 1.95 -9.74
C VAL A 166 15.67 0.86 -10.78
N GLY A 167 14.61 0.92 -11.58
CA GLY A 167 14.40 -0.11 -12.59
C GLY A 167 15.43 -0.07 -13.70
N ALA A 168 15.84 1.14 -14.12
CA ALA A 168 16.93 1.25 -15.09
C ALA A 168 18.24 0.72 -14.52
N ALA A 169 18.56 1.09 -13.29
CA ALA A 169 19.77 0.57 -12.67
C ALA A 169 19.74 -0.95 -12.60
N GLN A 170 18.58 -1.52 -12.26
CA GLN A 170 18.50 -2.98 -12.14
C GLN A 170 18.87 -3.66 -13.46
N GLU A 171 18.33 -3.18 -14.59
CA GLU A 171 18.62 -3.80 -15.87
C GLU A 171 20.06 -3.55 -16.30
N ALA A 172 20.59 -2.36 -16.01
CA ALA A 172 21.97 -2.04 -16.40
C ALA A 172 23.00 -2.70 -15.47
N ALA A 173 22.80 -2.62 -14.16
CA ALA A 173 23.84 -2.98 -13.21
C ALA A 173 23.48 -4.14 -12.29
N GLY A 174 22.29 -4.72 -12.41
CA GLY A 174 21.96 -5.89 -11.61
C GLY A 174 21.06 -5.55 -10.42
N TYR A 175 20.43 -6.60 -9.88
CA TYR A 175 19.49 -6.42 -8.78
C TYR A 175 20.16 -5.85 -7.53
N HIS A 176 21.34 -6.37 -7.17
CA HIS A 176 22.00 -5.91 -5.96
C HIS A 176 22.28 -4.42 -6.01
N VAL A 177 22.77 -3.91 -7.15
CA VAL A 177 22.98 -2.47 -7.28
C VAL A 177 21.65 -1.73 -7.14
N ALA A 178 20.58 -2.26 -7.76
CA ALA A 178 19.30 -1.56 -7.73
C ALA A 178 18.76 -1.46 -6.30
N PHE A 179 18.78 -2.56 -5.54
CA PHE A 179 18.38 -2.50 -4.14
C PHE A 179 19.28 -1.57 -3.33
N SER A 180 20.58 -1.54 -3.66
CA SER A 180 21.45 -0.59 -2.97
C SER A 180 21.02 0.85 -3.22
N LEU A 181 20.50 1.13 -4.42
CA LEU A 181 19.93 2.46 -4.68
C LEU A 181 18.70 2.73 -3.81
N ALA A 182 17.87 1.70 -3.58
CA ALA A 182 16.74 1.91 -2.66
C ALA A 182 17.23 2.25 -1.25
N ALA A 183 18.25 1.52 -0.76
CA ALA A 183 18.79 1.84 0.56
C ALA A 183 19.35 3.26 0.59
N ILE A 184 20.03 3.67 -0.48
CA ILE A 184 20.63 5.01 -0.48
C ILE A 184 19.55 6.07 -0.46
N GLY A 185 18.47 5.85 -1.23
CA GLY A 185 17.32 6.75 -1.18
C GLY A 185 16.80 6.95 0.23
N MET A 186 16.62 5.85 0.98
CA MET A 186 16.18 5.97 2.36
C MET A 186 17.23 6.68 3.21
N PHE A 187 18.51 6.36 3.00
CA PHE A 187 19.57 7.08 3.68
C PHE A 187 19.46 8.59 3.44
N ILE A 188 19.26 9.00 2.17
CA ILE A 188 19.05 10.41 1.88
C ILE A 188 17.88 10.95 2.70
N GLY A 189 16.79 10.19 2.77
CA GLY A 189 15.65 10.64 3.52
C GLY A 189 15.98 10.83 4.99
N LEU A 190 16.79 9.92 5.54
CA LEU A 190 17.15 10.01 6.94
C LEU A 190 18.03 11.23 7.22
N LEU A 191 18.93 11.56 6.29
CA LEU A 191 19.80 12.72 6.46
C LEU A 191 18.98 14.00 6.51
N VAL A 192 18.12 14.20 5.51
CA VAL A 192 17.28 15.39 5.46
C VAL A 192 16.36 15.42 6.67
N TYR A 193 15.82 14.26 7.04
CA TYR A 193 14.87 14.19 8.14
C TYR A 193 15.56 14.56 9.44
N TYR A 194 16.70 13.92 9.72
CA TYR A 194 17.36 14.16 10.99
C TYR A 194 17.79 15.62 11.12
N PHE A 195 18.56 16.11 10.17
CA PHE A 195 19.09 17.46 10.31
C PHE A 195 18.02 18.51 10.07
N GLY A 196 17.10 18.28 9.12
CA GLY A 196 16.01 19.22 8.93
C GLY A 196 15.06 19.27 10.11
N GLY A 197 14.81 18.12 10.74
CA GLY A 197 13.87 18.09 11.86
C GLY A 197 14.30 18.98 13.02
N LYS A 198 15.57 18.89 13.41
CA LYS A 198 16.05 19.74 14.50
C LYS A 198 15.77 21.21 14.22
N LYS A 199 15.90 21.64 12.97
CA LYS A 199 15.68 23.04 12.67
C LYS A 199 14.20 23.40 12.57
N THR A 200 13.30 22.44 12.42
CA THR A 200 11.93 22.83 12.14
C THR A 200 10.84 22.09 12.90
N LEU A 201 11.13 20.95 13.53
CA LEU A 201 10.09 20.19 14.20
C LEU A 201 10.09 20.49 15.69
N ASP A 202 8.91 20.48 16.27
CA ASP A 202 8.79 20.74 17.69
C ASP A 202 9.51 19.64 18.48
N PRO A 203 10.39 20.00 19.43
CA PRO A 203 11.04 18.96 20.25
C PRO A 203 10.08 18.18 21.13
N HIS A 204 8.85 18.67 21.31
CA HIS A 204 7.83 17.93 22.05
C HIS A 204 7.66 16.51 21.50
N TYR A 205 7.75 16.36 20.18
CA TYR A 205 7.54 15.08 19.50
C TYR A 205 8.78 14.19 19.49
N LEU A 206 9.80 14.53 20.27
CA LEU A 206 10.90 13.62 20.56
C LEU A 206 10.52 12.60 21.62
N ARG A 207 9.38 12.78 22.28
CA ARG A 207 8.91 11.90 23.32
C ARG A 207 7.46 11.56 23.04
N PRO A 208 6.99 10.42 23.53
CA PRO A 208 5.56 10.12 23.47
C PRO A 208 4.75 11.28 24.05
N THR A 209 3.61 11.55 23.44
CA THR A 209 2.69 12.58 23.92
C THR A 209 1.62 12.02 24.84
N ASP A 210 1.45 10.70 24.86
CA ASP A 210 0.53 10.02 25.77
C ASP A 210 1.26 8.80 26.35
N PRO A 211 2.31 9.01 27.15
CA PRO A 211 3.06 7.86 27.68
C PRO A 211 2.18 6.96 28.54
N LEU A 212 2.38 5.65 28.38
CA LEU A 212 1.73 4.68 29.26
C LEU A 212 1.81 5.14 30.71
N ALA A 213 0.66 5.12 31.39
CA ALA A 213 0.64 5.35 32.82
C ALA A 213 1.20 4.12 33.52
N PRO A 214 1.57 4.23 34.81
CA PRO A 214 2.16 3.07 35.49
C PRO A 214 1.30 1.82 35.41
N GLU A 215 0.00 1.94 35.61
CA GLU A 215 -0.88 0.77 35.61
C GLU A 215 -1.20 0.23 34.22
N GLU A 216 -0.74 0.87 33.16
CA GLU A 216 -1.08 0.41 31.82
C GLU A 216 -0.01 -0.51 31.21
N VAL A 217 1.19 -0.53 31.79
CA VAL A 217 2.29 -1.30 31.20
C VAL A 217 1.97 -2.79 31.21
N LYS A 218 1.62 -3.31 32.37
CA LYS A 218 1.39 -4.75 32.50
C LYS A 218 0.25 -5.26 31.63
N PRO A 219 -0.96 -4.65 31.62
CA PRO A 219 -2.00 -5.13 30.69
C PRO A 219 -1.55 -5.11 29.25
N LEU A 220 -0.79 -4.08 28.84
CA LEU A 220 -0.26 -4.08 27.47
C LEU A 220 0.67 -5.26 27.24
N LEU A 221 1.58 -5.51 28.18
CA LEU A 221 2.49 -6.65 28.06
C LEU A 221 1.72 -7.96 27.98
N VAL A 222 0.71 -8.14 28.82
CA VAL A 222 -0.05 -9.38 28.84
C VAL A 222 -0.72 -9.58 27.49
N LYS A 223 -1.29 -8.51 26.95
CA LYS A 223 -2.05 -8.58 25.70
C LYS A 223 -1.14 -8.93 24.53
N VAL A 224 0.03 -8.29 24.45
CA VAL A 224 0.98 -8.61 23.40
C VAL A 224 1.47 -10.05 23.53
N SER A 225 1.83 -10.46 24.75
CA SER A 225 2.37 -11.80 24.95
C SER A 225 1.33 -12.87 24.62
N LEU A 226 0.06 -12.62 24.95
CA LEU A 226 -0.98 -13.59 24.61
C LEU A 226 -1.11 -13.71 23.10
N ALA A 227 -1.02 -12.59 22.38
CA ALA A 227 -1.13 -12.62 20.93
C ALA A 227 0.04 -13.38 20.32
N VAL A 228 1.26 -13.10 20.78
CA VAL A 228 2.43 -13.80 20.26
C VAL A 228 2.34 -15.30 20.57
N ALA A 229 1.93 -15.63 21.80
CA ALA A 229 1.81 -17.04 22.17
C ALA A 229 0.77 -17.75 21.32
N GLY A 230 -0.39 -17.12 21.11
CA GLY A 230 -1.40 -17.71 20.24
C GLY A 230 -0.90 -17.96 18.84
N PHE A 231 -0.28 -16.95 18.23
CA PHE A 231 0.25 -17.07 16.86
C PHE A 231 1.27 -18.19 16.77
N ILE A 232 2.19 -18.26 17.73
CA ILE A 232 3.19 -19.31 17.71
C ILE A 232 2.53 -20.67 17.94
N ALA A 233 1.51 -20.73 18.80
CA ALA A 233 0.76 -21.97 18.97
C ALA A 233 0.18 -22.44 17.65
N ILE A 234 -0.47 -21.53 16.91
CA ILE A 234 -1.07 -21.91 15.65
C ILE A 234 0.00 -22.48 14.70
N ILE A 235 1.21 -21.94 14.77
CA ILE A 235 2.26 -22.32 13.83
C ILE A 235 2.84 -23.70 14.17
N VAL A 236 2.93 -24.03 15.46
CA VAL A 236 3.39 -25.37 15.80
C VAL A 236 2.33 -26.41 15.41
N VAL A 237 1.05 -26.10 15.66
CA VAL A 237 -0.01 -27.02 15.27
C VAL A 237 -0.04 -27.21 13.75
N MET A 238 0.19 -26.13 13.00
CA MET A 238 0.25 -26.25 11.55
C MET A 238 1.35 -27.20 11.11
N ASN A 239 2.52 -27.12 11.77
CA ASN A 239 3.62 -27.99 11.38
C ASN A 239 3.40 -29.43 11.84
N LEU A 240 2.69 -29.64 12.95
CA LEU A 240 2.43 -31.01 13.39
C LEU A 240 1.51 -31.72 12.42
N VAL A 241 0.46 -31.04 11.96
CA VAL A 241 -0.50 -31.65 11.04
C VAL A 241 -0.05 -31.59 9.60
N GLY A 242 1.15 -31.06 9.33
CA GLY A 242 1.68 -31.01 7.98
C GLY A 242 1.24 -29.85 7.12
N TRP A 243 0.78 -28.74 7.72
CA TRP A 243 0.46 -27.53 6.97
C TRP A 243 1.60 -26.52 7.14
N ASN A 244 2.72 -26.84 6.50
CA ASN A 244 3.95 -26.09 6.72
C ASN A 244 4.60 -25.60 5.43
N SER A 245 3.89 -25.64 4.31
CA SER A 245 4.43 -25.06 3.09
C SER A 245 4.30 -23.54 3.13
N LEU A 246 5.07 -22.87 2.27
CA LEU A 246 4.97 -21.42 2.19
C LEU A 246 3.54 -20.96 1.91
N PRO A 247 2.80 -21.52 0.94
CA PRO A 247 1.39 -21.10 0.78
C PRO A 247 0.56 -21.31 2.04
N ALA A 248 0.91 -22.30 2.88
CA ALA A 248 0.16 -22.49 4.12
C ALA A 248 0.34 -21.32 5.06
N TYR A 249 1.58 -20.80 5.16
CA TYR A 249 1.85 -19.60 5.95
C TYR A 249 1.18 -18.38 5.34
N ILE A 250 1.17 -18.29 4.01
CA ILE A 250 0.49 -17.17 3.37
C ILE A 250 -0.99 -17.19 3.67
N ASN A 251 -1.60 -18.39 3.64
CA ASN A 251 -3.01 -18.52 4.02
C ASN A 251 -3.24 -18.12 5.47
N LEU A 252 -2.32 -18.48 6.36
CA LEU A 252 -2.47 -18.03 7.74
C LEU A 252 -2.49 -16.50 7.84
N LEU A 253 -1.57 -15.83 7.13
CA LEU A 253 -1.52 -14.36 7.19
C LEU A 253 -2.74 -13.76 6.50
N THR A 254 -3.19 -14.37 5.41
CA THR A 254 -4.45 -13.95 4.79
C THR A 254 -5.58 -13.97 5.81
N ILE A 255 -5.73 -15.10 6.49
CA ILE A 255 -6.83 -15.26 7.45
C ILE A 255 -6.74 -14.20 8.53
N VAL A 256 -5.53 -13.96 9.03
CA VAL A 256 -5.32 -12.97 10.09
C VAL A 256 -5.71 -11.57 9.60
N ALA A 257 -5.26 -11.21 8.39
CA ALA A 257 -5.56 -9.89 7.86
C ALA A 257 -7.06 -9.70 7.65
N ILE A 258 -7.78 -10.73 7.24
CA ILE A 258 -9.23 -10.56 7.06
C ILE A 258 -9.95 -10.63 8.41
N ALA A 259 -9.50 -11.52 9.31
CA ALA A 259 -10.18 -11.70 10.58
C ALA A 259 -10.23 -10.41 11.38
N ILE A 260 -9.12 -9.64 11.36
CA ILE A 260 -9.04 -8.45 12.20
C ILE A 260 -10.18 -7.47 11.93
N PRO A 261 -10.48 -7.10 10.67
CA PRO A 261 -11.68 -6.28 10.45
C PRO A 261 -12.98 -7.00 10.72
N VAL A 262 -13.05 -8.30 10.43
CA VAL A 262 -14.28 -9.04 10.67
C VAL A 262 -14.62 -9.05 12.16
N PHE A 263 -13.61 -9.24 13.01
CA PHE A 263 -13.86 -9.19 14.45
C PHE A 263 -14.25 -7.79 14.91
N TYR A 264 -13.71 -6.75 14.26
CA TYR A 264 -14.08 -5.38 14.63
C TYR A 264 -15.54 -5.09 14.27
N PHE A 265 -15.99 -5.56 13.10
CA PHE A 265 -17.40 -5.41 12.73
C PHE A 265 -18.30 -6.10 13.74
N ALA A 266 -17.98 -7.35 14.07
CA ALA A 266 -18.75 -8.09 15.07
C ALA A 266 -18.77 -7.36 16.41
N TRP A 267 -17.63 -6.79 16.81
CA TRP A 267 -17.58 -6.02 18.05
C TRP A 267 -18.56 -4.85 18.02
N MET A 268 -18.45 -3.97 17.02
CA MET A 268 -19.27 -2.78 16.97
C MET A 268 -20.75 -3.13 16.76
N ILE A 269 -21.02 -4.11 15.91
CA ILE A 269 -22.42 -4.43 15.58
C ILE A 269 -23.13 -5.00 16.81
N SER A 270 -22.48 -5.92 17.53
CA SER A 270 -23.13 -6.54 18.68
C SER A 270 -23.05 -5.68 19.92
N SER A 271 -22.06 -4.79 20.03
CA SER A 271 -22.00 -3.88 21.15
C SER A 271 -22.74 -2.59 20.85
N HIS A 279 -25.67 2.24 15.68
CA HIS A 279 -25.68 0.90 15.09
C HIS A 279 -26.01 0.96 13.61
N LEU A 280 -26.87 1.91 13.25
CA LEU A 280 -27.25 2.03 11.84
C LEU A 280 -26.07 2.48 10.99
N ARG A 281 -25.31 3.48 11.46
CA ARG A 281 -24.16 3.95 10.69
C ARG A 281 -23.13 2.85 10.50
N VAL A 282 -22.88 2.06 11.54
CA VAL A 282 -21.90 0.99 11.42
C VAL A 282 -22.35 -0.03 10.39
N VAL A 283 -23.62 -0.41 10.43
CA VAL A 283 -24.16 -1.32 9.41
C VAL A 283 -23.99 -0.71 8.03
N SER A 284 -24.15 0.61 7.91
CA SER A 284 -24.05 1.25 6.59
C SER A 284 -22.64 1.17 6.03
N TYR A 285 -21.65 0.97 6.88
CA TYR A 285 -20.25 1.01 6.46
C TYR A 285 -19.80 -0.30 5.85
N ILE A 286 -20.46 -1.42 6.16
CA ILE A 286 -20.09 -2.72 5.59
C ILE A 286 -19.95 -2.64 4.07
N PRO A 287 -20.95 -2.14 3.31
CA PRO A 287 -20.78 -2.13 1.85
C PRO A 287 -19.69 -1.18 1.38
N LEU A 288 -19.45 -0.08 2.10
CA LEU A 288 -18.37 0.82 1.71
C LEU A 288 -17.01 0.17 1.97
N PHE A 289 -16.85 -0.48 3.12
CA PHE A 289 -15.62 -1.20 3.41
C PHE A 289 -15.37 -2.30 2.38
N ILE A 290 -16.41 -3.05 2.02
CA ILE A 290 -16.26 -4.10 1.01
C ILE A 290 -15.87 -3.49 -0.34
N ALA A 291 -16.51 -2.38 -0.70
CA ALA A 291 -16.20 -1.73 -1.97
C ALA A 291 -14.76 -1.25 -1.99
N ALA A 292 -14.30 -0.65 -0.89
CA ALA A 292 -12.91 -0.24 -0.78
C ALA A 292 -11.97 -1.45 -0.87
N VAL A 293 -12.32 -2.54 -0.19
CA VAL A 293 -11.50 -3.75 -0.24
C VAL A 293 -11.30 -4.21 -1.68
N LEU A 294 -12.40 -4.26 -2.44
CA LEU A 294 -12.33 -4.76 -3.81
C LEU A 294 -11.62 -3.77 -4.71
N PHE A 295 -11.85 -2.47 -4.51
CA PHE A 295 -11.11 -1.47 -5.27
C PHE A 295 -9.62 -1.65 -5.05
N TRP A 296 -9.19 -1.71 -3.78
CA TRP A 296 -7.76 -1.81 -3.50
C TRP A 296 -7.19 -3.13 -3.98
N ALA A 297 -7.99 -4.19 -4.00
CA ALA A 297 -7.50 -5.45 -4.55
C ALA A 297 -7.04 -5.24 -5.98
N ILE A 298 -7.93 -4.69 -6.82
CA ILE A 298 -7.61 -4.43 -8.20
C ILE A 298 -6.46 -3.43 -8.32
N GLU A 299 -6.52 -2.34 -7.54
CA GLU A 299 -5.48 -1.33 -7.62
C GLU A 299 -4.13 -1.91 -7.24
N GLU A 300 -4.08 -2.72 -6.18
CA GLU A 300 -2.83 -3.34 -5.71
C GLU A 300 -2.30 -4.40 -6.67
N GLN A 301 -3.14 -4.91 -7.58
CA GLN A 301 -2.70 -5.87 -8.57
C GLN A 301 -1.88 -5.24 -9.67
N GLY A 302 -1.89 -3.91 -9.79
CA GLY A 302 -0.99 -3.25 -10.72
C GLY A 302 0.43 -3.75 -10.60
N SER A 303 0.92 -3.88 -9.36
CA SER A 303 2.30 -4.28 -9.12
C SER A 303 2.52 -5.78 -9.17
N VAL A 304 1.50 -6.57 -9.45
CA VAL A 304 1.67 -8.02 -9.44
C VAL A 304 1.18 -8.56 -10.78
N VAL A 305 -0.13 -8.47 -11.01
CA VAL A 305 -0.69 -9.02 -12.24
C VAL A 305 -0.34 -8.15 -13.44
N LEU A 306 -0.52 -6.83 -13.36
CA LEU A 306 -0.15 -6.00 -14.52
C LEU A 306 1.36 -6.01 -14.76
N ALA A 307 2.16 -6.09 -13.67
CA ALA A 307 3.61 -6.23 -13.83
C ALA A 307 3.97 -7.55 -14.52
N THR A 308 3.26 -8.64 -14.18
CA THR A 308 3.43 -9.89 -14.92
C THR A 308 3.08 -9.70 -16.39
N PHE A 309 1.91 -9.12 -16.67
CA PHE A 309 1.50 -8.91 -18.04
C PHE A 309 2.51 -8.04 -18.78
N ALA A 310 3.02 -7.01 -18.11
CA ALA A 310 4.00 -6.13 -18.74
C ALA A 310 5.25 -6.89 -19.16
N ALA A 311 5.71 -7.83 -18.33
CA ALA A 311 6.94 -8.54 -18.66
C ALA A 311 6.72 -9.64 -19.69
N GLU A 312 5.54 -10.26 -19.71
CA GLU A 312 5.33 -11.42 -20.56
C GLU A 312 4.64 -11.11 -21.86
N ARG A 313 3.83 -10.05 -21.91
CA ARG A 313 2.91 -9.86 -23.02
C ARG A 313 3.01 -8.50 -23.69
N VAL A 314 3.80 -7.58 -23.17
CA VAL A 314 3.95 -6.28 -23.79
C VAL A 314 5.27 -6.23 -24.53
N ASP A 315 5.24 -5.62 -25.70
CA ASP A 315 6.46 -5.30 -26.45
C ASP A 315 7.09 -4.06 -25.80
N SER A 316 8.12 -4.28 -24.99
CA SER A 316 8.86 -3.22 -24.34
C SER A 316 10.35 -3.39 -24.60
N SER A 317 10.70 -3.86 -25.79
CA SER A 317 12.08 -4.17 -26.13
C SER A 317 13.04 -3.00 -25.88
N TRP A 318 12.54 -1.76 -25.91
CA TRP A 318 13.39 -0.58 -25.86
C TRP A 318 13.36 0.19 -24.53
N PHE A 319 12.71 -0.34 -23.47
CA PHE A 319 12.71 0.36 -22.19
C PHE A 319 12.45 -0.63 -21.06
N PRO A 320 13.00 -0.39 -19.86
CA PRO A 320 12.80 -1.32 -18.74
C PRO A 320 11.34 -1.49 -18.37
N VAL A 321 10.91 -2.76 -18.29
CA VAL A 321 9.50 -3.09 -18.06
C VAL A 321 9.02 -2.68 -16.68
N SER A 322 9.92 -2.53 -15.71
CA SER A 322 9.50 -2.06 -14.39
C SER A 322 9.00 -0.63 -14.43
N TRP A 323 9.28 0.12 -15.50
CA TRP A 323 8.85 1.52 -15.58
C TRP A 323 7.34 1.66 -15.59
N PHE A 324 6.59 0.60 -15.93
CA PHE A 324 5.14 0.71 -15.94
C PHE A 324 4.60 1.07 -14.57
N GLN A 325 5.33 0.69 -13.50
CA GLN A 325 4.90 1.03 -12.14
C GLN A 325 4.88 2.54 -11.89
N SER A 326 5.47 3.36 -12.78
CA SER A 326 5.36 4.80 -12.62
C SER A 326 3.99 5.35 -13.02
N LEU A 327 3.15 4.56 -13.71
CA LEU A 327 1.92 5.11 -14.27
C LEU A 327 0.89 5.37 -13.19
N ASN A 328 0.84 4.52 -12.16
CA ASN A 328 -0.08 4.75 -11.05
C ASN A 328 0.15 6.13 -10.45
N PRO A 329 1.34 6.48 -9.94
CA PRO A 329 1.52 7.84 -9.40
C PRO A 329 1.46 8.94 -10.43
N LEU A 330 1.96 8.69 -11.65
CA LEU A 330 1.82 9.69 -12.70
C LEU A 330 0.37 10.13 -12.87
N PHE A 331 -0.54 9.16 -13.03
CA PHE A 331 -1.94 9.51 -13.26
C PHE A 331 -2.54 10.23 -12.06
N ILE A 332 -2.16 9.82 -10.85
CA ILE A 332 -2.63 10.55 -9.67
C ILE A 332 -2.23 12.02 -9.78
N MET A 333 -0.96 12.27 -10.06
CA MET A 333 -0.50 13.66 -10.17
C MET A 333 -1.21 14.41 -11.28
N LEU A 334 -1.36 13.77 -12.45
CA LEU A 334 -1.98 14.43 -13.59
C LEU A 334 -3.45 14.71 -13.33
N TYR A 335 -4.13 13.83 -12.60
CA TYR A 335 -5.57 13.97 -12.39
C TYR A 335 -5.91 14.96 -11.28
N THR A 336 -5.05 15.14 -10.27
CA THR A 336 -5.47 15.92 -9.10
C THR A 336 -5.90 17.34 -9.41
N PRO A 337 -5.28 18.08 -10.34
CA PRO A 337 -5.83 19.42 -10.63
C PRO A 337 -7.26 19.37 -11.12
N PHE A 338 -7.57 18.45 -12.04
CA PHE A 338 -8.93 18.37 -12.57
C PHE A 338 -9.93 18.01 -11.47
N PHE A 339 -9.56 17.06 -10.60
CA PHE A 339 -10.48 16.65 -9.54
C PHE A 339 -10.60 17.70 -8.44
N ALA A 340 -9.52 18.44 -8.17
CA ALA A 340 -9.62 19.54 -7.22
C ALA A 340 -10.59 20.60 -7.73
N TRP A 341 -10.48 20.93 -9.02
CA TRP A 341 -11.42 21.86 -9.61
C TRP A 341 -12.85 21.29 -9.62
N LEU A 342 -12.98 19.99 -9.82
CA LEU A 342 -14.32 19.40 -9.87
C LEU A 342 -15.01 19.49 -8.52
N TRP A 343 -14.28 19.27 -7.43
CA TRP A 343 -14.91 19.27 -6.11
C TRP A 343 -15.24 20.67 -5.63
N THR A 344 -14.67 21.71 -6.23
CA THR A 344 -15.10 23.07 -5.94
C THR A 344 -16.12 23.59 -6.94
N ALA A 345 -16.10 23.08 -8.18
CA ALA A 345 -17.09 23.50 -9.16
C ALA A 345 -18.42 22.79 -8.93
N TRP A 346 -18.38 21.52 -8.52
CA TRP A 346 -19.62 20.76 -8.33
C TRP A 346 -20.27 21.12 -7.00
N PRO A 351 -22.17 14.77 -5.24
CA PRO A 351 -22.29 13.30 -5.29
C PRO A 351 -21.96 12.64 -3.97
N SER A 352 -22.84 11.75 -3.52
CA SER A 352 -22.66 11.10 -2.24
C SER A 352 -21.42 10.23 -2.26
N SER A 353 -20.84 10.03 -1.09
CA SER A 353 -19.67 9.15 -0.99
C SER A 353 -19.98 7.70 -1.32
N PRO A 354 -21.14 7.13 -0.95
CA PRO A 354 -21.46 5.78 -1.47
C PRO A 354 -21.54 5.75 -2.99
N THR A 355 -22.03 6.81 -3.63
CA THR A 355 -22.01 6.85 -5.09
C THR A 355 -20.58 6.90 -5.62
N LYS A 356 -19.72 7.69 -4.97
CA LYS A 356 -18.32 7.77 -5.39
C LYS A 356 -17.64 6.41 -5.30
N PHE A 357 -17.90 5.67 -4.21
CA PHE A 357 -17.29 4.36 -4.06
C PHE A 357 -17.74 3.41 -5.16
N ALA A 358 -19.03 3.46 -5.50
CA ALA A 358 -19.59 2.57 -6.51
C ALA A 358 -19.02 2.87 -7.88
N VAL A 359 -18.94 4.15 -8.24
CA VAL A 359 -18.32 4.52 -9.51
C VAL A 359 -16.84 4.19 -9.48
N GLY A 360 -16.18 4.42 -8.34
CA GLY A 360 -14.78 4.02 -8.20
C GLY A 360 -14.57 2.55 -8.47
N LEU A 361 -15.39 1.70 -7.87
CA LEU A 361 -15.29 0.27 -8.14
C LEU A 361 -15.58 -0.04 -9.61
N MET A 362 -16.48 0.72 -10.24
CA MET A 362 -16.78 0.45 -11.65
C MET A 362 -15.60 0.77 -12.54
N PHE A 363 -14.92 1.90 -12.30
CA PHE A 363 -13.72 2.21 -13.08
C PHE A 363 -12.65 1.15 -12.91
N ALA A 364 -12.48 0.63 -11.68
CA ALA A 364 -11.55 -0.46 -11.47
C ALA A 364 -11.96 -1.67 -12.29
N GLY A 365 -13.25 -1.98 -12.32
CA GLY A 365 -13.72 -3.11 -13.10
C GLY A 365 -13.45 -2.91 -14.58
N LEU A 366 -13.74 -1.71 -15.09
CA LEU A 366 -13.41 -1.36 -16.48
C LEU A 366 -11.92 -1.47 -16.76
N SER A 367 -11.07 -1.12 -15.79
CA SER A 367 -9.64 -1.19 -16.03
C SER A 367 -9.21 -2.62 -16.30
N PHE A 368 -9.91 -3.60 -15.69
CA PHE A 368 -9.60 -5.00 -15.93
C PHE A 368 -10.32 -5.53 -17.17
N LEU A 369 -11.57 -5.11 -17.40
CA LEU A 369 -12.25 -5.49 -18.64
C LEU A 369 -11.43 -5.08 -19.85
N LEU A 370 -10.86 -3.87 -19.82
CA LEU A 370 -10.03 -3.38 -20.92
C LEU A 370 -8.88 -4.34 -21.23
N MET A 371 -8.22 -4.87 -20.20
CA MET A 371 -7.10 -5.77 -20.39
C MET A 371 -7.51 -7.14 -20.92
N ALA A 372 -8.81 -7.47 -20.89
CA ALA A 372 -9.27 -8.72 -21.50
C ALA A 372 -9.27 -8.66 -23.02
N ILE A 373 -9.26 -7.46 -23.58
CA ILE A 373 -9.47 -7.26 -25.01
C ILE A 373 -8.27 -7.68 -25.84
N PRO A 374 -7.03 -7.26 -25.52
CA PRO A 374 -5.92 -7.64 -26.42
C PRO A 374 -5.75 -9.14 -26.58
N GLY A 375 -5.87 -9.92 -25.50
CA GLY A 375 -5.78 -11.37 -25.65
C GLY A 375 -6.97 -11.95 -26.42
N ALA A 376 -8.17 -11.41 -26.17
CA ALA A 376 -9.34 -11.86 -26.93
C ALA A 376 -9.22 -11.52 -28.41
N LEU A 377 -8.61 -10.38 -28.73
CA LEU A 377 -8.60 -9.89 -30.09
C LEU A 377 -7.41 -10.42 -30.89
N TYR A 378 -6.23 -10.49 -30.26
CA TYR A 378 -5.00 -10.85 -30.93
C TYR A 378 -4.48 -12.23 -30.55
N GLY A 379 -5.07 -12.90 -29.55
CA GLY A 379 -4.44 -14.08 -29.00
C GLY A 379 -3.49 -13.71 -27.86
N THR A 380 -2.98 -14.73 -27.18
CA THR A 380 -2.09 -14.50 -26.04
C THR A 380 -0.65 -14.90 -26.32
N SER A 381 -0.34 -15.45 -27.50
CA SER A 381 1.03 -15.90 -27.78
C SER A 381 1.96 -14.77 -28.22
N GLY A 382 1.44 -13.64 -28.67
CA GLY A 382 2.26 -12.54 -29.14
C GLY A 382 2.49 -11.48 -28.08
N LYS A 383 2.83 -10.27 -28.56
CA LYS A 383 3.02 -9.09 -27.71
C LYS A 383 2.14 -7.96 -28.20
N VAL A 384 1.69 -7.12 -27.26
CA VAL A 384 0.78 -6.04 -27.56
C VAL A 384 1.42 -4.71 -27.14
N SER A 385 0.77 -3.63 -27.53
CA SER A 385 1.31 -2.30 -27.29
C SER A 385 1.26 -1.91 -25.81
N PRO A 386 2.28 -1.21 -25.32
CA PRO A 386 2.23 -0.65 -23.96
C PRO A 386 0.97 0.16 -23.66
N LEU A 387 0.33 0.71 -24.69
CA LEU A 387 -0.82 1.58 -24.47
C LEU A 387 -2.00 0.86 -23.82
N TRP A 388 -2.07 -0.47 -23.93
CA TRP A 388 -3.13 -1.18 -23.21
C TRP A 388 -2.97 -0.99 -21.71
N LEU A 389 -1.75 -1.17 -21.19
CA LEU A 389 -1.52 -0.93 -19.76
C LEU A 389 -1.69 0.53 -19.41
N VAL A 390 -1.24 1.45 -20.28
CA VAL A 390 -1.45 2.87 -20.04
C VAL A 390 -2.94 3.15 -19.87
N GLY A 391 -3.78 2.58 -20.73
CA GLY A 391 -5.22 2.76 -20.57
C GLY A 391 -5.77 2.10 -19.32
N SER A 392 -5.22 0.93 -18.96
CA SER A 392 -5.69 0.26 -17.76
C SER A 392 -5.44 1.10 -16.51
N TRP A 393 -4.20 1.58 -16.36
CA TRP A 393 -3.91 2.41 -15.20
C TRP A 393 -4.67 3.73 -15.27
N ALA A 394 -4.86 4.28 -16.46
CA ALA A 394 -5.68 5.48 -16.58
C ALA A 394 -7.05 5.26 -15.94
N LEU A 395 -7.65 4.10 -16.18
CA LEU A 395 -9.01 3.84 -15.70
C LEU A 395 -9.05 3.59 -14.18
N VAL A 396 -8.17 2.72 -13.67
CA VAL A 396 -8.21 2.41 -12.25
C VAL A 396 -7.88 3.66 -11.42
N ILE A 397 -6.94 4.49 -11.89
CA ILE A 397 -6.62 5.69 -11.12
C ILE A 397 -7.78 6.68 -11.13
N LEU A 398 -8.55 6.72 -12.22
CA LEU A 398 -9.79 7.50 -12.23
C LEU A 398 -10.66 7.09 -11.05
N GLY A 399 -10.84 5.78 -10.83
CA GLY A 399 -11.57 5.33 -9.66
C GLY A 399 -10.89 5.74 -8.37
N GLU A 400 -9.55 5.68 -8.33
CA GLU A 400 -8.83 6.04 -7.12
C GLU A 400 -9.11 7.49 -6.72
N MET A 401 -9.17 8.39 -7.71
CA MET A 401 -9.43 9.79 -7.41
C MET A 401 -10.80 9.99 -6.78
N LEU A 402 -11.73 9.07 -7.01
CA LEU A 402 -13.04 9.16 -6.39
C LEU A 402 -13.03 8.59 -4.98
N ILE A 403 -12.37 7.45 -4.78
CA ILE A 403 -12.48 6.74 -3.52
C ILE A 403 -11.46 7.23 -2.50
N SER A 404 -10.22 7.45 -2.94
CA SER A 404 -9.12 7.71 -2.01
C SER A 404 -9.26 9.03 -1.26
N PRO A 405 -9.57 10.16 -1.90
CA PRO A 405 -9.67 11.42 -1.13
C PRO A 405 -10.80 11.43 -0.10
N VAL A 406 -11.81 10.58 -0.24
CA VAL A 406 -12.94 10.57 0.67
C VAL A 406 -12.91 9.43 1.67
N GLY A 407 -12.09 8.39 1.43
CA GLY A 407 -12.18 7.18 2.24
C GLY A 407 -12.06 7.44 3.72
N LEU A 408 -11.03 8.21 4.12
CA LEU A 408 -10.89 8.63 5.52
C LEU A 408 -12.13 9.37 6.00
N SER A 409 -12.61 10.33 5.21
CA SER A 409 -13.76 11.15 5.60
C SER A 409 -14.98 10.29 5.92
N VAL A 410 -15.38 9.43 4.99
CA VAL A 410 -16.61 8.66 5.17
C VAL A 410 -16.50 7.75 6.38
N THR A 411 -15.34 7.11 6.56
CA THR A 411 -15.17 6.22 7.71
C THR A 411 -15.17 6.97 9.02
N THR A 412 -14.77 8.24 9.03
CA THR A 412 -14.82 9.04 10.25
C THR A 412 -16.16 9.74 10.43
N LYS A 413 -16.80 10.18 9.34
CA LYS A 413 -18.18 10.67 9.43
C LYS A 413 -19.07 9.65 10.13
N LEU A 414 -18.89 8.37 9.82
CA LEU A 414 -19.76 7.35 10.39
C LEU A 414 -19.33 7.06 11.82
N SER A 421 -12.11 5.22 16.72
CA SER A 421 -10.66 5.03 16.67
C SER A 421 -10.33 3.69 16.02
N GLN A 422 -10.93 2.63 16.57
CA GLN A 422 -10.89 1.30 15.97
C GLN A 422 -11.37 1.34 14.52
N MET A 423 -12.49 2.04 14.27
CA MET A 423 -13.06 2.08 12.92
C MET A 423 -12.31 3.02 12.01
N MET A 424 -11.81 4.11 12.57
CA MET A 424 -10.92 4.97 11.82
C MET A 424 -9.77 4.18 11.18
N SER A 425 -9.22 3.23 11.93
CA SER A 425 -8.18 2.37 11.39
C SER A 425 -8.70 1.41 10.33
N MET A 426 -10.01 1.13 10.30
CA MET A 426 -10.54 0.18 9.33
C MET A 426 -10.43 0.70 7.90
N TRP A 427 -10.44 2.03 7.71
CA TRP A 427 -10.17 2.58 6.40
C TRP A 427 -8.80 2.16 5.90
N PHE A 428 -7.78 2.30 6.75
CA PHE A 428 -6.44 1.89 6.36
C PHE A 428 -6.38 0.38 6.19
N LEU A 429 -7.12 -0.36 7.01
CA LEU A 429 -7.17 -1.81 6.88
C LEU A 429 -7.80 -2.25 5.56
N SER A 430 -8.63 -1.40 4.95
CA SER A 430 -9.29 -1.80 3.71
C SER A 430 -8.26 -2.17 2.64
N SER A 431 -7.14 -1.45 2.59
CA SER A 431 -6.13 -1.78 1.61
C SER A 431 -5.31 -3.00 2.02
N SER A 432 -5.16 -3.25 3.33
CA SER A 432 -4.52 -4.49 3.78
C SER A 432 -5.38 -5.72 3.47
N VAL A 433 -6.69 -5.62 3.69
CA VAL A 433 -7.59 -6.72 3.35
C VAL A 433 -7.59 -6.96 1.84
N GLY A 434 -7.67 -5.88 1.07
CA GLY A 434 -7.63 -6.02 -0.38
C GLY A 434 -6.38 -6.73 -0.86
N SER A 435 -5.24 -6.44 -0.22
CA SER A 435 -3.98 -7.11 -0.59
C SER A 435 -3.97 -8.56 -0.13
N ALA A 436 -4.62 -8.85 0.99
CA ALA A 436 -4.73 -10.22 1.45
C ALA A 436 -5.61 -11.06 0.53
N LEU A 437 -6.75 -10.49 0.11
CA LEU A 437 -7.54 -11.13 -0.93
C LEU A 437 -6.67 -11.41 -2.16
N ASN A 438 -5.82 -10.45 -2.53
CA ASN A 438 -4.96 -10.63 -3.70
C ASN A 438 -4.02 -11.81 -3.52
N ALA A 439 -3.52 -12.02 -2.29
CA ALA A 439 -2.60 -13.13 -2.07
C ALA A 439 -3.21 -14.45 -2.52
N GLN A 440 -4.54 -14.56 -2.45
CA GLN A 440 -5.25 -15.73 -2.95
C GLN A 440 -5.50 -15.63 -4.45
N LEU A 441 -6.07 -14.49 -4.89
CA LEU A 441 -6.54 -14.35 -6.26
C LEU A 441 -5.42 -14.39 -7.29
N VAL A 442 -4.30 -13.71 -7.03
CA VAL A 442 -3.29 -13.61 -8.08
C VAL A 442 -2.67 -14.95 -8.42
N THR A 443 -2.81 -15.96 -7.54
CA THR A 443 -2.31 -17.28 -7.91
C THR A 443 -3.07 -17.90 -9.07
N LEU A 444 -4.26 -17.38 -9.39
CA LEU A 444 -5.08 -17.84 -10.51
C LEU A 444 -4.65 -17.24 -11.84
N TYR A 445 -3.76 -16.26 -11.86
CA TYR A 445 -3.44 -15.56 -13.10
C TYR A 445 -2.24 -16.23 -13.75
N ASN A 446 -2.36 -16.53 -15.04
CA ASN A 446 -1.27 -17.15 -15.77
C ASN A 446 -1.54 -16.98 -17.25
N ALA A 447 -0.56 -17.38 -18.06
CA ALA A 447 -0.69 -17.19 -19.50
C ALA A 447 -1.98 -17.78 -20.02
N LYS A 448 -2.37 -18.95 -19.51
CA LYS A 448 -3.55 -19.63 -20.01
C LYS A 448 -4.86 -19.02 -19.50
N SER A 449 -4.87 -18.42 -18.31
CA SER A 449 -6.12 -17.89 -17.76
C SER A 449 -6.30 -16.40 -18.00
N GLU A 450 -5.36 -15.77 -18.73
CA GLU A 450 -5.29 -14.31 -18.86
C GLU A 450 -6.67 -13.69 -19.14
N VAL A 451 -7.29 -14.07 -20.26
CA VAL A 451 -8.52 -13.37 -20.68
C VAL A 451 -9.64 -13.63 -19.68
N ALA A 452 -9.83 -14.87 -19.26
CA ALA A 452 -10.90 -15.17 -18.30
C ALA A 452 -10.65 -14.49 -16.96
N TYR A 453 -9.38 -14.38 -16.55
CA TYR A 453 -9.09 -13.73 -15.28
C TYR A 453 -9.50 -12.28 -15.31
N PHE A 454 -9.10 -11.56 -16.37
CA PHE A 454 -9.45 -10.16 -16.50
C PHE A 454 -10.96 -9.99 -16.68
N SER A 455 -11.57 -10.83 -17.53
CA SER A 455 -13.02 -10.73 -17.77
C SER A 455 -13.80 -10.96 -16.49
N TYR A 456 -13.51 -12.06 -15.80
CA TYR A 456 -14.28 -12.41 -14.61
C TYR A 456 -14.17 -11.33 -13.55
N PHE A 457 -12.95 -10.98 -13.16
CA PHE A 457 -12.80 -10.06 -12.04
C PHE A 457 -13.19 -8.63 -12.44
N GLY A 458 -12.99 -8.26 -13.71
CA GLY A 458 -13.47 -6.97 -14.18
C GLY A 458 -14.99 -6.87 -14.16
N LEU A 459 -15.66 -7.83 -14.82
CA LEU A 459 -17.13 -7.82 -14.79
C LEU A 459 -17.64 -7.90 -13.36
N GLY A 460 -17.03 -8.76 -12.54
CA GLY A 460 -17.47 -8.92 -11.17
C GLY A 460 -17.39 -7.64 -10.37
N SER A 461 -16.41 -6.79 -10.67
CA SER A 461 -16.29 -5.54 -9.94
C SER A 461 -17.26 -4.48 -10.44
N VAL A 462 -17.55 -4.48 -11.74
CA VAL A 462 -18.59 -3.60 -12.28
C VAL A 462 -19.95 -3.97 -11.71
N VAL A 463 -20.26 -5.27 -11.65
CA VAL A 463 -21.57 -5.68 -11.17
C VAL A 463 -21.77 -5.26 -9.72
N LEU A 464 -20.73 -5.40 -8.90
CA LEU A 464 -20.86 -5.00 -7.51
C LEU A 464 -20.92 -3.48 -7.39
N GLY A 465 -20.25 -2.76 -8.30
CA GLY A 465 -20.39 -1.32 -8.33
C GLY A 465 -21.81 -0.90 -8.63
N ILE A 466 -22.48 -1.62 -9.53
CA ILE A 466 -23.89 -1.33 -9.82
C ILE A 466 -24.77 -1.66 -8.62
N VAL A 467 -24.49 -2.77 -7.93
CA VAL A 467 -25.22 -3.09 -6.70
C VAL A 467 -25.11 -1.95 -5.70
N LEU A 468 -23.88 -1.44 -5.50
CA LEU A 468 -23.69 -0.38 -4.51
C LEU A 468 -24.45 0.88 -4.91
N VAL A 469 -24.48 1.19 -6.21
CA VAL A 469 -25.32 2.28 -6.70
C VAL A 469 -26.75 2.11 -6.22
N PHE A 470 -27.34 0.93 -6.45
CA PHE A 470 -28.71 0.68 -6.00
C PHE A 470 -28.86 0.92 -4.50
N LEU A 471 -27.84 0.56 -3.72
CA LEU A 471 -27.94 0.67 -2.26
C LEU A 471 -27.60 2.04 -1.75
N SER A 472 -27.20 2.93 -2.67
CA SER A 472 -26.54 4.18 -2.30
C SER A 472 -27.46 5.12 -1.54
N LYS A 473 -28.75 5.07 -1.78
CA LYS A 473 -29.68 5.95 -1.11
C LYS A 473 -29.89 5.57 0.34
N ARG A 474 -30.20 4.32 0.59
CA ARG A 474 -30.33 3.84 1.97
C ARG A 474 -29.09 4.18 2.78
N ILE A 475 -27.92 3.79 2.27
CA ILE A 475 -26.65 4.08 2.94
C ILE A 475 -26.52 5.57 3.21
N GLN A 476 -26.91 6.40 2.23
CA GLN A 476 -26.90 7.85 2.42
C GLN A 476 -27.73 8.25 3.64
N GLY A 477 -28.89 7.60 3.83
CA GLY A 477 -29.67 7.89 5.02
C GLY A 477 -28.95 7.51 6.29
N LEU A 478 -28.49 6.26 6.35
CA LEU A 478 -27.77 5.74 7.50
C LEU A 478 -26.48 6.51 7.74
N PHE B 1 -1.55 4.96 -5.43
CA PHE B 1 -1.29 3.96 -4.39
C PHE B 1 -2.03 4.32 -3.12
N ALA B 2 -2.43 3.31 -2.36
CA ALA B 2 -3.10 3.54 -1.09
C ALA B 2 -2.26 4.43 -0.17
N GLN B 3 -0.99 4.11 0.01
CA GLN B 3 -0.15 5.05 0.77
C GLN B 3 1.22 5.30 0.12
#